data_5HN4
#
_entry.id   5HN4
#
_cell.length_a   113.669
_cell.length_b   113.669
_cell.length_c   143.226
_cell.angle_alpha   90.00
_cell.angle_beta   90.00
_cell.angle_gamma   90.00
#
_symmetry.space_group_name_H-M   'P 43 21 2'
#
loop_
_entity.id
_entity.type
_entity.pdbx_description
1 polymer 'Homoisocitrate dehydrogenase'
2 non-polymer '(1R,2S)-1-hydroxybutane-1,2,4-tricarboxylic acid'
3 non-polymer 'MANGANESE (II) ION'
4 non-polymer IMIDAZOLE
5 non-polymer 'ISOPROPYL ALCOHOL'
6 water water
#
_entity_poly.entity_id   1
_entity_poly.type   'polypeptide(L)'
_entity_poly.pdbx_seq_one_letter_code
;MYRVAVIPGDGIGPEVIDGAVRVLKAVTGRVRFEYYEGGVDVFQECGSPIREEDLEEIRRSDAVLFGATTTPFDLPGYRS
LILTLRKELGLYANLRIIPDLRTGREIVIVRENSEGLYFGIGAVVNGRAVDVRLITREGAERIARFAVEQAKARGSFITF
VHKANVLTGDKFFRRIVREVAGEEGVEVRDAIIDSFTIKLVRNPWEHGVILSENLFGDILSDLATVHAGSIGIVPSGNYG
DGIALFEPVHGSAPDIAGKGIANPIGAILSGAMLLDYLGLDGSLIRAAVRGYVVNGELTPDMGGRARTEDVVRGIIGEIE
DLLSMDEVWRDEIRLSRLESDISRMAGHHHHHH
;
_entity_poly.pdbx_strand_id   A
#
loop_
_chem_comp.id
_chem_comp.type
_chem_comp.name
_chem_comp.formula
48Y non-polymer '(1R,2S)-1-hydroxybutane-1,2,4-tricarboxylic acid' 'C7 H10 O7'
IMD non-polymer IMIDAZOLE 'C3 H5 N2 1'
IPA non-polymer 'ISOPROPYL ALCOHOL' 'C3 H8 O'
MN non-polymer 'MANGANESE (II) ION' 'Mn 2'
#
# COMPACT_ATOMS: atom_id res chain seq x y z
N MET A 1 -23.22 9.47 5.14
CA MET A 1 -21.78 9.44 5.51
C MET A 1 -21.10 8.23 4.86
N TYR A 2 -19.77 8.21 4.92
CA TYR A 2 -19.00 7.04 4.52
C TYR A 2 -18.61 6.34 5.81
N ARG A 3 -18.64 5.01 5.78
CA ARG A 3 -18.25 4.23 6.93
C ARG A 3 -16.83 3.68 6.66
N VAL A 4 -15.88 4.03 7.50
CA VAL A 4 -14.52 3.58 7.35
C VAL A 4 -14.08 2.76 8.55
N ALA A 5 -13.74 1.50 8.30
CA ALA A 5 -13.22 0.64 9.37
C ALA A 5 -11.75 0.95 9.55
N VAL A 6 -11.33 1.07 10.80
CA VAL A 6 -9.97 1.45 11.13
C VAL A 6 -9.33 0.42 12.02
N ILE A 7 -8.17 -0.10 11.61
CA ILE A 7 -7.50 -1.17 12.36
C ILE A 7 -6.10 -0.71 12.66
N PRO A 8 -5.90 -0.08 13.82
CA PRO A 8 -4.61 0.50 14.08
C PRO A 8 -3.47 -0.51 14.23
N GLY A 9 -3.80 -1.72 14.68
CA GLY A 9 -2.79 -2.75 14.99
C GLY A 9 -1.88 -2.38 16.17
N ASP A 10 -0.60 -2.74 16.07
CA ASP A 10 0.28 -2.62 17.23
C ASP A 10 1.54 -1.93 16.77
N GLY A 11 2.46 -1.75 17.71
CA GLY A 11 3.70 -1.03 17.42
C GLY A 11 3.36 0.42 17.25
N ILE A 12 3.99 1.05 16.26
CA ILE A 12 3.69 2.43 15.88
C ILE A 12 2.35 2.58 15.11
N GLY A 13 1.64 1.48 14.87
CA GLY A 13 0.38 1.55 14.16
C GLY A 13 -0.59 2.57 14.74
N PRO A 14 -0.94 2.41 16.01
CA PRO A 14 -1.83 3.36 16.69
C PRO A 14 -1.40 4.80 16.56
N GLU A 15 -0.11 5.06 16.70
CA GLU A 15 0.39 6.43 16.67
C GLU A 15 0.21 7.07 15.30
N VAL A 16 0.57 6.35 14.25
CA VAL A 16 0.51 6.93 12.92
C VAL A 16 -0.92 7.01 12.42
N ILE A 17 -1.77 6.12 12.88
CA ILE A 17 -3.17 6.14 12.52
C ILE A 17 -3.92 7.25 13.23
N ASP A 18 -3.53 7.53 14.46
CA ASP A 18 -4.05 8.68 15.13
C ASP A 18 -3.76 9.89 14.28
N GLY A 19 -2.54 9.95 13.74
CA GLY A 19 -2.14 11.06 12.89
C GLY A 19 -2.97 11.13 11.64
N ALA A 20 -3.14 9.99 10.99
CA ALA A 20 -3.85 9.95 9.71
C ALA A 20 -5.33 10.29 9.87
N VAL A 21 -5.93 9.75 10.93
CA VAL A 21 -7.33 9.98 11.16
C VAL A 21 -7.56 11.46 11.43
N ARG A 22 -6.68 12.08 12.22
CA ARG A 22 -6.82 13.49 12.54
C ARG A 22 -6.68 14.35 11.28
N VAL A 23 -5.80 13.97 10.38
CA VAL A 23 -5.70 14.66 9.09
C VAL A 23 -6.97 14.46 8.25
N LEU A 24 -7.49 13.26 8.21
CA LEU A 24 -8.71 13.01 7.47
C LEU A 24 -9.87 13.88 8.03
N LYS A 25 -9.93 13.97 9.34
CA LYS A 25 -11.00 14.70 9.99
C LYS A 25 -10.88 16.19 9.71
N ALA A 26 -9.67 16.66 9.48
CA ALA A 26 -9.46 18.02 9.06
C ALA A 26 -9.77 18.32 7.61
N VAL A 27 -9.98 17.33 6.76
CA VAL A 27 -10.37 17.67 5.36
C VAL A 27 -11.82 17.35 5.05
N THR A 28 -12.41 16.49 5.86
CA THR A 28 -13.78 16.12 5.64
C THR A 28 -14.39 15.66 6.94
N GLY A 29 -15.68 15.95 7.09
CA GLY A 29 -16.42 15.55 8.28
C GLY A 29 -17.42 14.54 7.78
N ARG A 30 -17.25 14.10 6.53
CA ARG A 30 -18.12 13.08 5.95
C ARG A 30 -17.77 11.61 6.18
N VAL A 31 -16.86 11.32 7.12
CA VAL A 31 -16.37 9.97 7.32
C VAL A 31 -16.54 9.59 8.77
N ARG A 32 -17.30 8.54 9.03
CA ARG A 32 -17.39 7.99 10.38
C ARG A 32 -16.37 6.85 10.50
N PHE A 33 -15.58 6.89 11.56
CA PHE A 33 -14.55 5.92 11.80
C PHE A 33 -14.95 4.95 12.89
N GLU A 34 -14.96 3.66 12.60
CA GLU A 34 -15.15 2.63 13.63
C GLU A 34 -13.90 1.75 13.79
N TYR A 35 -13.45 1.62 15.03
CA TYR A 35 -12.23 0.91 15.37
C TYR A 35 -12.44 -0.57 15.69
N TYR A 36 -11.43 -1.38 15.38
CA TYR A 36 -11.45 -2.83 15.58
C TYR A 36 -10.08 -3.33 16.00
N GLU A 37 -10.05 -4.33 16.86
CA GLU A 37 -8.78 -4.94 17.26
C GLU A 37 -8.38 -5.97 16.22
N GLY A 38 -7.10 -6.34 16.18
CA GLY A 38 -6.68 -7.44 15.33
C GLY A 38 -5.23 -7.74 15.49
N GLY A 39 -4.84 -9.00 15.29
CA GLY A 39 -3.46 -9.39 15.48
C GLY A 39 -3.30 -10.55 16.44
N VAL A 40 -2.16 -10.59 17.13
CA VAL A 40 -1.83 -11.73 17.95
C VAL A 40 -2.79 -11.81 19.13
N ASP A 41 -3.02 -10.70 19.83
CA ASP A 41 -3.99 -10.67 20.93
C ASP A 41 -5.30 -11.30 20.56
N VAL A 42 -5.84 -10.97 19.40
CA VAL A 42 -7.12 -11.57 18.99
C VAL A 42 -6.95 -13.05 18.63
N PHE A 43 -5.78 -13.40 18.09
CA PHE A 43 -5.48 -14.79 17.77
C PHE A 43 -5.45 -15.64 19.04
N GLN A 44 -4.77 -15.13 20.06
CA GLN A 44 -4.73 -15.77 21.37
C GLN A 44 -6.14 -16.13 21.87
N GLU A 45 -7.10 -15.20 21.75
CA GLU A 45 -8.45 -15.44 22.24
C GLU A 45 -9.24 -16.38 21.37
N CYS A 46 -9.38 -16.07 20.08
CA CYS A 46 -10.36 -16.75 19.23
C CYS A 46 -9.73 -17.64 18.15
N GLY A 47 -8.39 -17.70 18.07
CA GLY A 47 -7.71 -18.53 17.06
C GLY A 47 -7.65 -17.96 15.64
N SER A 48 -8.15 -16.75 15.45
CA SER A 48 -8.00 -16.00 14.20
C SER A 48 -7.50 -14.62 14.57
N PRO A 49 -6.83 -13.93 13.64
CA PRO A 49 -6.32 -12.58 13.95
C PRO A 49 -7.37 -11.46 13.81
N ILE A 50 -8.50 -11.79 13.19
CA ILE A 50 -9.68 -10.92 13.18
C ILE A 50 -10.92 -11.75 13.55
N ARG A 51 -11.74 -11.22 14.48
CA ARG A 51 -12.99 -11.93 14.87
C ARG A 51 -13.97 -12.01 13.75
N GLU A 52 -14.71 -13.10 13.66
CA GLU A 52 -15.63 -13.24 12.55
C GLU A 52 -16.65 -12.10 12.54
N GLU A 53 -17.18 -11.73 13.72
CA GLU A 53 -18.18 -10.65 13.80
C GLU A 53 -17.59 -9.30 13.31
N ASP A 54 -16.37 -8.99 13.75
CA ASP A 54 -15.65 -7.81 13.30
C ASP A 54 -15.40 -7.87 11.79
N LEU A 55 -15.04 -9.04 11.28
CA LEU A 55 -14.79 -9.16 9.86
C LEU A 55 -16.05 -8.83 9.04
N GLU A 56 -17.20 -9.17 9.60
CA GLU A 56 -18.47 -8.97 8.89
C GLU A 56 -18.81 -7.49 8.79
N GLU A 57 -18.58 -6.74 9.87
CA GLU A 57 -18.79 -5.30 9.85
C GLU A 57 -17.82 -4.68 8.86
N ILE A 58 -16.55 -5.08 8.96
CA ILE A 58 -15.53 -4.56 8.11
C ILE A 58 -15.93 -4.71 6.64
N ARG A 59 -16.42 -5.87 6.20
CA ARG A 59 -16.79 -5.96 4.76
C ARG A 59 -18.04 -5.18 4.39
N ARG A 60 -18.85 -4.79 5.35
CA ARG A 60 -19.99 -3.92 5.05
C ARG A 60 -19.58 -2.44 5.05
N SER A 61 -18.36 -2.14 5.51
CA SER A 61 -17.80 -0.79 5.50
C SER A 61 -17.37 -0.35 4.09
N ASP A 62 -17.15 0.96 3.90
CA ASP A 62 -16.89 1.49 2.55
C ASP A 62 -15.44 1.38 2.21
N ALA A 63 -14.60 1.47 3.25
CA ALA A 63 -13.17 1.37 3.10
C ALA A 63 -12.54 0.99 4.41
N VAL A 64 -11.26 0.59 4.36
CA VAL A 64 -10.55 0.22 5.56
C VAL A 64 -9.24 0.99 5.66
N LEU A 65 -8.90 1.41 6.87
CA LEU A 65 -7.66 2.11 7.09
C LEU A 65 -6.90 1.32 8.11
N PHE A 66 -5.64 0.98 7.82
CA PHE A 66 -4.93 -0.03 8.53
C PHE A 66 -3.55 0.47 8.86
N GLY A 67 -3.09 0.22 10.09
CA GLY A 67 -1.78 0.68 10.51
C GLY A 67 -0.68 -0.32 10.17
N ALA A 68 -0.23 -1.07 11.17
CA ALA A 68 0.77 -2.09 11.01
C ALA A 68 0.59 -3.11 12.13
N THR A 69 0.86 -4.37 11.81
CA THR A 69 0.69 -5.47 12.76
C THR A 69 1.98 -6.23 12.87
N THR A 70 2.38 -6.61 14.06
CA THR A 70 3.53 -7.52 14.19
C THR A 70 3.11 -8.94 13.79
N THR A 71 3.79 -9.51 12.80
CA THR A 71 3.64 -10.93 12.47
C THR A 71 4.89 -11.68 12.96
N PRO A 72 4.81 -12.35 14.14
CA PRO A 72 5.96 -13.11 14.66
C PRO A 72 6.11 -14.45 13.93
N PHE A 73 7.36 -14.81 13.66
CA PHE A 73 7.68 -16.07 12.97
C PHE A 73 7.43 -17.30 13.87
N ASP A 74 7.54 -17.11 15.19
CA ASP A 74 7.45 -18.20 16.17
C ASP A 74 6.07 -18.28 16.89
N LEU A 75 4.99 -18.26 16.12
CA LEU A 75 3.66 -18.45 16.68
C LEU A 75 2.90 -19.43 15.84
N PRO A 76 3.00 -20.70 16.21
CA PRO A 76 2.47 -21.72 15.37
C PRO A 76 1.02 -21.46 14.97
N GLY A 77 0.72 -21.59 13.69
CA GLY A 77 -0.65 -21.46 13.20
C GLY A 77 -1.13 -20.03 12.94
N TYR A 78 -0.30 -19.04 13.22
CA TYR A 78 -0.72 -17.65 13.02
C TYR A 78 -0.64 -17.26 11.56
N ARG A 79 -1.73 -16.77 10.98
CA ARG A 79 -1.58 -16.10 9.71
C ARG A 79 -1.68 -14.58 9.87
N SER A 80 -0.84 -13.88 9.12
CA SER A 80 -0.88 -12.43 9.00
C SER A 80 -2.29 -11.82 9.01
N LEU A 81 -2.49 -10.85 9.90
CA LEU A 81 -3.67 -10.02 9.79
C LEU A 81 -3.88 -9.47 8.38
N ILE A 82 -2.85 -8.84 7.82
CA ILE A 82 -3.02 -8.19 6.51
C ILE A 82 -3.21 -9.20 5.39
N LEU A 83 -2.53 -10.33 5.46
CA LEU A 83 -2.76 -11.37 4.42
C LEU A 83 -4.14 -11.92 4.53
N THR A 84 -4.59 -12.15 5.77
CA THR A 84 -5.96 -12.59 6.00
C THR A 84 -6.95 -11.58 5.42
N LEU A 85 -6.81 -10.30 5.78
CA LEU A 85 -7.70 -9.26 5.24
C LEU A 85 -7.62 -9.16 3.73
N ARG A 86 -6.43 -9.31 3.17
CA ARG A 86 -6.33 -9.28 1.71
C ARG A 86 -7.17 -10.37 1.04
N LYS A 87 -7.09 -11.60 1.54
CA LYS A 87 -7.82 -12.71 0.92
C LYS A 87 -9.31 -12.55 1.24
N GLU A 88 -9.64 -12.37 2.51
CA GLU A 88 -11.04 -12.28 2.91
C GLU A 88 -11.79 -11.17 2.18
N LEU A 89 -11.15 -10.06 1.86
CA LEU A 89 -11.88 -8.94 1.24
C LEU A 89 -11.73 -8.84 -0.24
N GLY A 90 -11.04 -9.81 -0.87
CA GLY A 90 -10.92 -9.81 -2.33
C GLY A 90 -9.98 -8.76 -2.88
N LEU A 91 -8.93 -8.47 -2.13
CA LEU A 91 -8.04 -7.36 -2.47
C LEU A 91 -6.96 -7.76 -3.46
N TYR A 92 -7.28 -7.76 -4.74
CA TYR A 92 -6.36 -8.25 -5.76
C TYR A 92 -5.37 -7.26 -6.35
N ALA A 93 -5.52 -5.97 -6.12
CA ALA A 93 -4.50 -5.04 -6.61
C ALA A 93 -3.85 -4.31 -5.45
N ASN A 94 -2.53 -4.23 -5.47
CA ASN A 94 -1.81 -3.52 -4.41
C ASN A 94 -0.97 -2.44 -5.08
N LEU A 95 -1.30 -1.19 -4.82
CA LEU A 95 -0.68 -0.05 -5.49
C LEU A 95 0.23 0.64 -4.51
N ARG A 96 1.51 0.75 -4.82
CA ARG A 96 2.44 1.46 -3.94
C ARG A 96 3.06 2.59 -4.71
N ILE A 97 3.07 3.77 -4.10
CA ILE A 97 3.58 4.97 -4.75
C ILE A 97 4.77 5.42 -3.92
N ILE A 98 5.97 5.43 -4.46
CA ILE A 98 7.11 5.94 -3.70
C ILE A 98 7.40 7.39 -4.14
N PRO A 99 7.16 8.37 -3.25
CA PRO A 99 7.23 9.75 -3.68
C PRO A 99 8.56 10.41 -3.31
N ASP A 100 9.04 11.25 -4.20
CA ASP A 100 10.09 12.23 -3.91
C ASP A 100 9.29 13.46 -3.55
N LEU A 101 9.30 13.83 -2.27
CA LEU A 101 8.33 14.83 -1.78
C LEU A 101 8.56 16.25 -2.31
N ARG A 102 9.83 16.62 -2.51
CA ARG A 102 10.18 17.88 -3.16
C ARG A 102 9.53 17.97 -4.55
N THR A 103 10.02 17.15 -5.47
CA THR A 103 9.65 17.23 -6.89
C THR A 103 8.23 16.73 -7.25
N GLY A 104 7.61 15.95 -6.38
CA GLY A 104 6.37 15.24 -6.73
C GLY A 104 6.54 14.13 -7.77
N ARG A 105 7.77 13.77 -8.08
CA ARG A 105 8.03 12.54 -8.86
C ARG A 105 7.66 11.31 -8.01
N GLU A 106 7.27 10.25 -8.71
CA GLU A 106 6.63 9.09 -8.12
C GLU A 106 7.15 7.83 -8.78
N ILE A 107 7.54 6.83 -8.00
CA ILE A 107 7.67 5.49 -8.51
C ILE A 107 6.32 4.83 -8.24
N VAL A 108 5.69 4.34 -9.31
CA VAL A 108 4.38 3.75 -9.24
C VAL A 108 4.44 2.24 -9.48
N ILE A 109 4.14 1.46 -8.45
CA ILE A 109 4.17 0.02 -8.55
C ILE A 109 2.79 -0.59 -8.36
N VAL A 110 2.42 -1.47 -9.29
CA VAL A 110 1.22 -2.30 -9.16
C VAL A 110 1.66 -3.72 -8.89
N ARG A 111 1.32 -4.23 -7.71
CA ARG A 111 1.71 -5.58 -7.29
C ARG A 111 0.47 -6.43 -7.32
N GLU A 112 0.47 -7.48 -8.10
CA GLU A 112 -0.68 -8.36 -8.07
C GLU A 112 -0.78 -8.90 -6.66
N ASN A 113 -1.99 -8.95 -6.10
CA ASN A 113 -2.14 -9.07 -4.66
C ASN A 113 -2.87 -10.30 -4.15
N SER A 114 -3.26 -11.20 -5.05
CA SER A 114 -4.04 -12.40 -4.68
C SER A 114 -3.47 -13.75 -5.05
N GLU A 115 -2.49 -13.83 -5.95
CA GLU A 115 -1.98 -15.15 -6.33
C GLU A 115 -0.45 -15.21 -6.36
N GLY A 116 0.14 -15.86 -7.37
CA GLY A 116 1.56 -15.98 -7.44
C GLY A 116 2.02 -16.88 -6.34
N LEU A 117 3.09 -16.53 -5.66
CA LEU A 117 3.62 -17.40 -4.63
C LEU A 117 2.85 -17.25 -3.34
N TYR A 118 1.90 -16.31 -3.33
CA TYR A 118 1.02 -16.10 -2.17
C TYR A 118 -0.25 -16.94 -2.27
N PHE A 119 -0.48 -17.63 -3.39
CA PHE A 119 -1.73 -18.39 -3.53
C PHE A 119 -2.02 -19.33 -2.37
N GLY A 120 -0.99 -19.93 -1.80
CA GLY A 120 -1.12 -20.66 -0.57
C GLY A 120 -0.96 -22.16 -0.67
N ILE A 121 -0.70 -22.70 -1.85
CA ILE A 121 -0.46 -24.13 -1.98
C ILE A 121 0.96 -24.55 -1.71
N GLY A 122 1.19 -25.17 -0.55
CA GLY A 122 2.53 -25.57 -0.14
C GLY A 122 2.51 -26.79 0.76
N ALA A 123 3.58 -27.57 0.72
CA ALA A 123 3.63 -28.87 1.34
C ALA A 123 5.06 -29.31 1.61
N VAL A 124 5.28 -30.02 2.72
CA VAL A 124 6.51 -30.77 2.97
C VAL A 124 6.19 -32.26 3.02
N VAL A 125 6.89 -33.07 2.26
CA VAL A 125 6.66 -34.50 2.28
C VAL A 125 7.88 -35.26 1.79
N ASN A 126 8.51 -36.00 2.70
CA ASN A 126 9.65 -36.89 2.42
C ASN A 126 10.92 -36.12 2.09
N GLY A 127 11.28 -35.17 2.95
CA GLY A 127 12.41 -34.27 2.68
C GLY A 127 12.34 -33.49 1.35
N ARG A 128 11.13 -33.16 0.89
CA ARG A 128 10.97 -32.30 -0.25
C ARG A 128 9.90 -31.28 0.10
N ALA A 129 10.25 -30.00 0.07
CA ALA A 129 9.29 -28.93 0.33
C ALA A 129 8.94 -28.20 -0.95
N VAL A 130 7.71 -27.74 -1.06
CA VAL A 130 7.27 -27.23 -2.32
C VAL A 130 6.38 -26.01 -2.09
N ASP A 131 6.36 -25.06 -3.03
CA ASP A 131 5.38 -23.96 -3.05
C ASP A 131 5.05 -23.76 -4.51
N VAL A 132 3.77 -23.48 -4.79
CA VAL A 132 3.27 -23.39 -6.14
C VAL A 132 3.00 -21.92 -6.48
N ARG A 133 3.76 -21.40 -7.45
CA ARG A 133 3.58 -20.06 -7.97
C ARG A 133 2.48 -20.14 -9.02
N LEU A 134 1.28 -19.67 -8.68
CA LEU A 134 0.11 -19.78 -9.54
C LEU A 134 -0.24 -18.48 -10.17
N ILE A 135 -0.38 -18.48 -11.49
CA ILE A 135 -0.93 -17.35 -12.22
C ILE A 135 -2.18 -17.84 -12.94
N THR A 136 -3.30 -17.14 -12.81
CA THR A 136 -4.54 -17.53 -13.51
C THR A 136 -4.87 -16.48 -14.55
N ARG A 137 -5.67 -16.86 -15.54
CA ARG A 137 -6.15 -15.91 -16.58
C ARG A 137 -6.93 -14.77 -15.90
N GLU A 138 -7.83 -15.12 -14.99
CA GLU A 138 -8.61 -14.13 -14.24
C GLU A 138 -7.67 -13.18 -13.42
N GLY A 139 -6.73 -13.77 -12.67
CA GLY A 139 -5.78 -12.95 -11.91
C GLY A 139 -4.95 -12.00 -12.78
N ALA A 140 -4.36 -12.53 -13.84
CA ALA A 140 -3.60 -11.71 -14.74
C ALA A 140 -4.44 -10.70 -15.51
N GLU A 141 -5.68 -11.05 -15.86
CA GLU A 141 -6.50 -10.12 -16.68
C GLU A 141 -6.85 -8.87 -15.87
N ARG A 142 -7.33 -9.08 -14.65
CA ARG A 142 -7.76 -7.96 -13.84
C ARG A 142 -6.59 -7.15 -13.28
N ILE A 143 -5.49 -7.79 -12.89
CA ILE A 143 -4.36 -6.99 -12.51
C ILE A 143 -3.79 -6.20 -13.70
N ALA A 144 -3.84 -6.76 -14.90
CA ALA A 144 -3.46 -5.96 -16.08
C ALA A 144 -4.39 -4.78 -16.30
N ARG A 145 -5.71 -5.01 -16.31
CA ARG A 145 -6.65 -3.89 -16.49
C ARG A 145 -6.34 -2.79 -15.52
N PHE A 146 -6.09 -3.17 -14.26
CA PHE A 146 -5.85 -2.21 -13.23
C PHE A 146 -4.59 -1.40 -13.55
N ALA A 147 -3.56 -2.08 -14.03
CA ALA A 147 -2.34 -1.38 -14.37
C ALA A 147 -2.55 -0.48 -15.54
N VAL A 148 -3.37 -0.88 -16.52
CA VAL A 148 -3.58 0.01 -17.68
C VAL A 148 -4.32 1.27 -17.28
N GLU A 149 -5.31 1.15 -16.39
CA GLU A 149 -6.00 2.36 -15.87
C GLU A 149 -5.00 3.32 -15.23
N GLN A 150 -4.00 2.81 -14.52
CA GLN A 150 -3.00 3.71 -13.92
C GLN A 150 -2.10 4.38 -14.95
N ALA A 151 -1.75 3.63 -16.00
CA ALA A 151 -0.96 4.18 -17.09
C ALA A 151 -1.77 5.22 -17.90
N LYS A 152 -3.01 4.88 -18.26
CA LYS A 152 -3.91 5.81 -18.96
C LYS A 152 -4.02 7.11 -18.17
N ALA A 153 -4.43 7.03 -16.91
CA ALA A 153 -4.60 8.23 -16.07
C ALA A 153 -3.35 9.09 -15.97
N ARG A 154 -2.16 8.50 -16.14
CA ARG A 154 -0.91 9.27 -16.04
C ARG A 154 -0.32 9.57 -17.40
N GLY A 155 -1.03 9.21 -18.47
CA GLY A 155 -0.51 9.36 -19.82
C GLY A 155 0.86 8.75 -19.84
N SER A 156 0.90 7.46 -19.57
CA SER A 156 2.15 6.77 -19.27
C SER A 156 2.09 5.34 -19.77
N PHE A 157 3.12 4.55 -19.43
CA PHE A 157 3.25 3.18 -19.95
C PHE A 157 3.43 2.18 -18.81
N ILE A 158 3.39 0.90 -19.15
CA ILE A 158 3.67 -0.17 -18.23
C ILE A 158 5.05 -0.79 -18.43
N THR A 159 5.76 -1.00 -17.31
CA THR A 159 6.97 -1.85 -17.28
C THR A 159 6.56 -3.14 -16.54
N PHE A 160 6.40 -4.21 -17.31
CA PHE A 160 6.10 -5.51 -16.78
C PHE A 160 7.38 -6.27 -16.42
N VAL A 161 7.61 -6.51 -15.12
CA VAL A 161 8.81 -7.20 -14.65
C VAL A 161 8.54 -8.68 -14.39
N HIS A 162 9.46 -9.54 -14.83
CA HIS A 162 9.22 -11.00 -14.82
C HIS A 162 10.54 -11.76 -14.96
N LYS A 163 10.43 -13.09 -15.05
CA LYS A 163 11.52 -14.01 -15.34
C LYS A 163 10.96 -15.13 -16.21
N ALA A 164 10.26 -14.74 -17.27
CA ALA A 164 9.77 -15.63 -18.31
C ALA A 164 10.69 -16.73 -18.83
N ASN A 165 11.99 -16.51 -18.94
CA ASN A 165 12.85 -17.59 -19.37
C ASN A 165 12.77 -18.81 -18.46
N VAL A 166 12.49 -18.60 -17.18
CA VAL A 166 12.55 -19.65 -16.19
C VAL A 166 11.16 -20.03 -15.73
N LEU A 167 10.20 -19.11 -15.78
CA LEU A 167 8.88 -19.34 -15.19
C LEU A 167 7.75 -19.43 -16.21
N THR A 168 7.14 -20.61 -16.30
CA THR A 168 6.02 -20.80 -17.23
C THR A 168 4.96 -19.76 -16.95
N GLY A 169 4.69 -19.53 -15.67
CA GLY A 169 3.63 -18.63 -15.29
C GLY A 169 3.88 -17.20 -15.70
N ASP A 170 5.13 -16.80 -15.78
CA ASP A 170 5.42 -15.47 -16.28
C ASP A 170 5.29 -15.39 -17.79
N LYS A 171 5.57 -16.48 -18.51
CA LYS A 171 5.37 -16.47 -19.99
C LYS A 171 3.88 -16.20 -20.24
N PHE A 172 3.04 -16.92 -19.53
CA PHE A 172 1.59 -16.73 -19.55
C PHE A 172 1.16 -15.31 -19.20
N PHE A 173 1.67 -14.84 -18.07
CA PHE A 173 1.31 -13.56 -17.50
C PHE A 173 1.70 -12.48 -18.51
N ARG A 174 2.89 -12.59 -19.09
CA ARG A 174 3.38 -11.58 -20.03
C ARG A 174 2.46 -11.49 -21.27
N ARG A 175 2.07 -12.65 -21.81
CA ARG A 175 1.20 -12.65 -22.96
CA ARG A 175 1.13 -12.76 -22.93
C ARG A 175 -0.11 -11.95 -22.62
N ILE A 176 -0.71 -12.25 -21.47
CA ILE A 176 -1.98 -11.60 -21.11
C ILE A 176 -1.78 -10.12 -20.86
N VAL A 177 -0.73 -9.73 -20.17
CA VAL A 177 -0.50 -8.29 -19.99
C VAL A 177 -0.40 -7.60 -21.35
N ARG A 178 0.29 -8.21 -22.30
CA ARG A 178 0.44 -7.62 -23.64
C ARG A 178 -0.88 -7.56 -24.42
N GLU A 179 -1.67 -8.62 -24.38
CA GLU A 179 -3.01 -8.58 -24.96
C GLU A 179 -3.77 -7.35 -24.47
N VAL A 180 -3.99 -7.21 -23.16
CA VAL A 180 -4.96 -6.21 -22.71
C VAL A 180 -4.45 -4.79 -22.88
N ALA A 181 -3.13 -4.60 -22.81
CA ALA A 181 -2.55 -3.27 -23.02
C ALA A 181 -2.50 -2.90 -24.51
N GLY A 182 -2.57 -3.91 -25.38
CA GLY A 182 -2.72 -3.69 -26.81
C GLY A 182 -4.12 -3.16 -27.07
N GLU A 183 -5.12 -3.94 -26.67
CA GLU A 183 -6.53 -3.55 -26.76
C GLU A 183 -6.80 -2.13 -26.27
N GLU A 184 -5.97 -1.63 -25.38
CA GLU A 184 -6.26 -0.36 -24.72
C GLU A 184 -5.27 0.73 -25.07
N GLY A 185 -4.37 0.47 -26.01
CA GLY A 185 -3.41 1.46 -26.45
C GLY A 185 -2.36 1.88 -25.44
N VAL A 186 -1.88 0.93 -24.62
CA VAL A 186 -0.79 1.24 -23.68
C VAL A 186 0.48 0.47 -24.04
N GLU A 187 1.59 1.21 -24.03
CA GLU A 187 2.90 0.62 -24.28
C GLU A 187 3.27 -0.31 -23.09
N VAL A 188 3.94 -1.43 -23.40
CA VAL A 188 4.44 -2.36 -22.39
C VAL A 188 5.91 -2.65 -22.63
N ARG A 189 6.77 -2.00 -21.85
CA ARG A 189 8.20 -2.30 -21.87
C ARG A 189 8.36 -3.47 -20.96
N ASP A 190 9.26 -4.39 -21.24
CA ASP A 190 9.46 -5.36 -20.22
C ASP A 190 10.87 -5.39 -19.64
N ALA A 191 10.98 -6.08 -18.50
CA ALA A 191 12.16 -6.01 -17.69
C ALA A 191 12.29 -7.34 -16.98
N ILE A 192 13.52 -7.75 -16.76
CA ILE A 192 13.72 -9.00 -16.10
C ILE A 192 13.99 -8.63 -14.65
N ILE A 193 13.38 -9.40 -13.74
CA ILE A 193 13.47 -9.17 -12.30
C ILE A 193 14.88 -8.96 -11.76
N ASP A 194 15.88 -9.66 -12.26
CA ASP A 194 17.23 -9.45 -11.71
C ASP A 194 17.83 -8.15 -12.16
N SER A 195 17.95 -7.98 -13.47
CA SER A 195 18.54 -6.76 -14.01
C SER A 195 17.71 -5.51 -13.70
N PHE A 196 16.40 -5.67 -13.53
CA PHE A 196 15.58 -4.52 -13.17
C PHE A 196 15.95 -3.93 -11.83
N THR A 197 16.45 -4.76 -10.90
CA THR A 197 16.80 -4.22 -9.62
C THR A 197 17.86 -3.14 -9.81
N ILE A 198 18.79 -3.33 -10.74
CA ILE A 198 19.84 -2.34 -11.00
C ILE A 198 19.20 -1.08 -11.58
N LYS A 199 18.37 -1.26 -12.60
CA LYS A 199 17.64 -0.13 -13.18
C LYS A 199 16.81 0.65 -12.15
N LEU A 200 16.31 -0.03 -11.13
CA LEU A 200 15.41 0.59 -10.19
C LEU A 200 16.20 1.46 -9.23
N VAL A 201 17.37 1.02 -8.79
CA VAL A 201 18.16 1.92 -7.94
C VAL A 201 18.87 3.04 -8.73
N ARG A 202 19.14 2.85 -10.01
CA ARG A 202 19.94 3.81 -10.76
C ARG A 202 19.12 4.80 -11.54
N ASN A 203 18.01 4.37 -12.08
CA ASN A 203 17.21 5.21 -12.88
C ASN A 203 15.76 5.13 -12.41
N PRO A 204 15.51 5.57 -11.17
CA PRO A 204 14.22 5.35 -10.54
C PRO A 204 12.97 5.87 -11.23
N TRP A 205 13.04 7.02 -11.88
CA TRP A 205 11.79 7.68 -12.27
C TRP A 205 11.32 7.40 -13.66
N GLU A 206 12.02 6.53 -14.40
CA GLU A 206 11.76 6.38 -15.84
C GLU A 206 11.03 5.08 -16.21
N HIS A 207 10.25 4.53 -15.29
CA HIS A 207 9.63 3.19 -15.53
C HIS A 207 8.13 3.12 -15.66
N GLY A 208 7.48 4.27 -15.50
CA GLY A 208 6.05 4.35 -15.63
C GLY A 208 5.36 3.56 -14.55
N VAL A 209 4.32 2.83 -14.93
CA VAL A 209 3.63 1.92 -14.05
C VAL A 209 4.30 0.55 -14.07
N ILE A 210 5.02 0.24 -12.99
CA ILE A 210 5.68 -1.05 -12.84
C ILE A 210 4.67 -2.08 -12.40
N LEU A 211 4.63 -3.20 -13.10
CA LEU A 211 3.68 -4.26 -12.81
C LEU A 211 4.40 -5.57 -12.62
N SER A 212 3.93 -6.41 -11.69
CA SER A 212 4.59 -7.68 -11.47
C SER A 212 3.79 -8.62 -10.64
N GLU A 213 4.21 -9.88 -10.64
CA GLU A 213 3.61 -10.91 -9.77
C GLU A 213 3.82 -10.53 -8.30
N ASN A 214 3.00 -11.11 -7.46
CA ASN A 214 2.88 -10.77 -6.06
C ASN A 214 4.19 -10.65 -5.30
N LEU A 215 4.95 -11.74 -5.23
CA LEU A 215 6.18 -11.75 -4.46
C LEU A 215 7.20 -10.82 -5.11
N PHE A 216 7.33 -10.85 -6.43
CA PHE A 216 8.21 -9.89 -7.10
C PHE A 216 7.84 -8.47 -6.73
N GLY A 217 6.55 -8.19 -6.63
CA GLY A 217 6.07 -6.86 -6.24
C GLY A 217 6.44 -6.52 -4.83
N ASP A 218 6.34 -7.51 -3.96
CA ASP A 218 6.72 -7.33 -2.59
C ASP A 218 8.18 -6.90 -2.49
N ILE A 219 9.03 -7.58 -3.24
CA ILE A 219 10.45 -7.31 -3.25
C ILE A 219 10.75 -5.94 -3.88
N LEU A 220 10.21 -5.68 -5.05
CA LEU A 220 10.51 -4.46 -5.77
C LEU A 220 10.00 -3.20 -5.03
N SER A 221 8.86 -3.31 -4.36
CA SER A 221 8.29 -2.15 -3.71
C SER A 221 9.07 -1.77 -2.45
N ASP A 222 9.54 -2.74 -1.66
CA ASP A 222 10.50 -2.38 -0.61
C ASP A 222 11.76 -1.77 -1.20
N LEU A 223 12.32 -2.36 -2.24
CA LEU A 223 13.55 -1.84 -2.84
C LEU A 223 13.40 -0.38 -3.29
N ALA A 224 12.24 -0.06 -3.88
CA ALA A 224 11.95 1.27 -4.38
C ALA A 224 11.91 2.32 -3.28
N THR A 225 11.69 1.89 -2.04
CA THR A 225 11.63 2.86 -0.97
C THR A 225 12.96 3.52 -0.69
N VAL A 226 14.08 2.94 -1.14
CA VAL A 226 15.36 3.62 -0.95
C VAL A 226 15.34 5.01 -1.56
N HIS A 227 14.48 5.29 -2.54
CA HIS A 227 14.47 6.60 -3.14
C HIS A 227 13.63 7.63 -2.38
N ALA A 228 13.28 7.36 -1.14
CA ALA A 228 12.44 8.28 -0.39
C ALA A 228 13.12 8.60 0.90
N GLY A 229 12.65 9.62 1.59
CA GLY A 229 13.29 10.00 2.87
C GLY A 229 13.60 8.76 3.68
N SER A 230 12.54 8.05 4.03
CA SER A 230 12.58 6.80 4.71
C SER A 230 11.36 6.06 4.24
N ILE A 231 11.32 4.75 4.49
CA ILE A 231 10.16 3.93 4.19
C ILE A 231 8.89 4.48 4.90
N GLY A 232 9.15 5.20 5.99
CA GLY A 232 8.16 5.97 6.73
C GLY A 232 7.20 6.90 6.00
N ILE A 233 7.51 7.34 4.79
CA ILE A 233 6.57 8.20 4.10
C ILE A 233 5.78 7.51 3.03
N VAL A 234 5.98 6.21 2.84
CA VAL A 234 5.39 5.54 1.68
C VAL A 234 4.04 4.93 1.95
N PRO A 235 3.03 5.29 1.14
CA PRO A 235 1.67 4.81 1.34
C PRO A 235 1.28 3.70 0.38
N SER A 236 0.12 3.10 0.58
CA SER A 236 -0.39 2.17 -0.40
C SER A 236 -1.88 1.96 -0.25
N GLY A 237 -2.46 1.37 -1.28
CA GLY A 237 -3.84 0.93 -1.27
C GLY A 237 -3.93 -0.50 -1.78
N ASN A 238 -4.87 -1.25 -1.22
CA ASN A 238 -5.18 -2.62 -1.62
C ASN A 238 -6.62 -2.61 -2.07
N TYR A 239 -6.83 -2.82 -3.35
CA TYR A 239 -8.13 -2.63 -4.00
C TYR A 239 -8.73 -3.95 -4.41
N GLY A 240 -10.05 -4.03 -4.27
CA GLY A 240 -10.87 -5.17 -4.68
C GLY A 240 -12.06 -4.65 -5.45
N ASP A 241 -13.10 -5.46 -5.61
CA ASP A 241 -14.22 -5.04 -6.45
C ASP A 241 -15.27 -4.27 -5.67
N GLY A 242 -15.41 -4.50 -4.38
CA GLY A 242 -16.36 -3.71 -3.59
C GLY A 242 -15.83 -2.92 -2.39
N ILE A 243 -14.53 -2.97 -2.14
CA ILE A 243 -13.96 -2.36 -0.97
C ILE A 243 -12.45 -2.18 -1.14
N ALA A 244 -11.85 -1.36 -0.30
CA ALA A 244 -10.41 -1.19 -0.36
C ALA A 244 -9.87 -0.92 1.00
N LEU A 245 -8.57 -1.11 1.12
CA LEU A 245 -7.88 -1.04 2.41
C LEU A 245 -6.62 -0.29 2.18
N PHE A 246 -6.21 0.52 3.16
CA PHE A 246 -5.11 1.43 2.94
C PHE A 246 -4.17 1.36 4.12
N GLU A 247 -2.88 1.26 3.82
CA GLU A 247 -1.91 1.09 4.84
C GLU A 247 -0.61 1.67 4.41
N PRO A 248 0.12 2.23 5.37
CA PRO A 248 1.48 2.59 5.09
C PRO A 248 2.29 1.34 4.82
N VAL A 249 3.27 1.46 3.94
CA VAL A 249 4.15 0.34 3.60
C VAL A 249 5.12 0.00 4.75
N HIS A 250 5.41 0.93 5.64
CA HIS A 250 6.22 0.56 6.80
C HIS A 250 5.48 -0.44 7.65
N GLY A 251 6.20 -1.00 8.62
CA GLY A 251 5.60 -1.93 9.58
C GLY A 251 5.60 -1.39 10.99
N SER A 252 5.55 -2.31 11.95
CA SER A 252 5.30 -2.03 13.37
C SER A 252 6.35 -1.17 14.05
N ALA A 253 7.57 -1.19 13.50
CA ALA A 253 8.75 -0.68 14.18
C ALA A 253 8.60 -0.67 15.69
N PRO A 254 8.51 -1.87 16.33
CA PRO A 254 8.29 -1.95 17.81
C PRO A 254 9.43 -1.33 18.62
N ASP A 255 10.64 -1.42 18.07
CA ASP A 255 11.80 -0.71 18.58
C ASP A 255 11.41 0.71 19.00
N ILE A 256 10.66 1.44 18.17
CA ILE A 256 10.33 2.84 18.49
C ILE A 256 8.90 3.11 18.96
N ALA A 257 8.11 2.06 19.21
CA ALA A 257 6.75 2.22 19.74
C ALA A 257 6.74 3.08 21.00
N GLY A 258 5.68 3.88 21.13
CA GLY A 258 5.47 4.69 22.32
C GLY A 258 6.48 5.78 22.59
N LYS A 259 7.52 5.90 21.78
CA LYS A 259 8.53 6.93 21.98
C LYS A 259 8.13 8.29 21.36
N GLY A 260 6.91 8.41 20.84
CA GLY A 260 6.42 9.67 20.25
C GLY A 260 7.17 10.28 19.07
N ILE A 261 7.88 9.44 18.31
CA ILE A 261 8.72 9.95 17.20
C ILE A 261 8.52 9.23 15.86
N ALA A 262 7.53 8.35 15.79
CA ALA A 262 7.20 7.73 14.52
C ALA A 262 6.76 8.76 13.45
N ASN A 263 7.02 8.38 12.20
CA ASN A 263 6.73 9.17 11.02
C ASN A 263 5.33 8.83 10.52
N PRO A 264 4.37 9.78 10.64
CA PRO A 264 2.99 9.52 10.27
C PRO A 264 2.70 9.80 8.80
N ILE A 265 3.72 10.21 8.05
CA ILE A 265 3.48 10.63 6.70
C ILE A 265 2.89 9.52 5.86
N GLY A 266 3.43 8.31 5.96
CA GLY A 266 2.99 7.18 5.11
C GLY A 266 1.53 6.86 5.30
N ALA A 267 1.12 6.84 6.57
CA ALA A 267 -0.30 6.66 6.94
C ALA A 267 -1.14 7.82 6.44
N ILE A 268 -0.60 9.03 6.57
CA ILE A 268 -1.34 10.22 6.13
C ILE A 268 -1.56 10.14 4.63
N LEU A 269 -0.49 9.88 3.88
CA LEU A 269 -0.59 9.76 2.43
C LEU A 269 -1.48 8.57 2.05
N SER A 270 -1.64 7.63 2.97
CA SER A 270 -2.48 6.48 2.71
C SER A 270 -3.94 6.87 2.94
N GLY A 271 -4.21 7.63 4.02
CA GLY A 271 -5.51 8.27 4.18
C GLY A 271 -5.85 9.13 2.94
N ALA A 272 -4.84 9.75 2.33
CA ALA A 272 -5.09 10.43 1.09
C ALA A 272 -5.60 9.47 0.03
N MET A 273 -4.97 8.31 -0.11
CA MET A 273 -5.41 7.38 -1.18
C MET A 273 -6.79 6.88 -0.88
N LEU A 274 -7.08 6.75 0.41
CA LEU A 274 -8.42 6.36 0.85
C LEU A 274 -9.47 7.41 0.44
N LEU A 275 -9.18 8.69 0.64
CA LEU A 275 -10.13 9.72 0.23
C LEU A 275 -10.34 9.67 -1.27
N ASP A 276 -9.27 9.52 -2.06
CA ASP A 276 -9.45 9.42 -3.52
C ASP A 276 -10.45 8.32 -3.85
N TYR A 277 -10.33 7.19 -3.16
CA TYR A 277 -11.12 6.00 -3.44
C TYR A 277 -12.60 6.26 -3.16
N LEU A 278 -12.84 7.03 -2.12
CA LEU A 278 -14.20 7.41 -1.77
C LEU A 278 -14.77 8.58 -2.60
N GLY A 279 -14.00 9.15 -3.51
CA GLY A 279 -14.44 10.33 -4.26
C GLY A 279 -14.24 11.67 -3.53
N LEU A 280 -13.65 11.62 -2.34
CA LEU A 280 -13.23 12.81 -1.61
C LEU A 280 -11.84 13.25 -2.04
N ASP A 281 -11.34 14.29 -1.38
CA ASP A 281 -10.25 15.10 -1.91
C ASP A 281 -8.92 14.80 -1.24
N GLY A 282 -8.23 13.81 -1.75
CA GLY A 282 -6.92 13.45 -1.24
C GLY A 282 -5.82 14.33 -1.74
N SER A 283 -6.05 15.07 -2.82
CA SER A 283 -5.02 15.98 -3.37
C SER A 283 -4.65 17.06 -2.37
N LEU A 284 -5.66 17.48 -1.61
CA LEU A 284 -5.45 18.32 -0.45
C LEU A 284 -4.36 17.81 0.50
N ILE A 285 -4.49 16.55 0.91
CA ILE A 285 -3.52 15.97 1.86
C ILE A 285 -2.14 15.96 1.22
N ARG A 286 -2.09 15.57 -0.04
CA ARG A 286 -0.82 15.53 -0.71
C ARG A 286 -0.15 16.90 -0.76
N ALA A 287 -0.91 17.94 -1.10
CA ALA A 287 -0.39 19.34 -1.14
C ALA A 287 0.04 19.78 0.26
N ALA A 288 -0.79 19.43 1.24
CA ALA A 288 -0.44 19.73 2.62
C ALA A 288 0.90 19.15 2.99
N VAL A 289 1.15 17.92 2.55
CA VAL A 289 2.39 17.23 2.91
C VAL A 289 3.57 17.87 2.17
N ARG A 290 3.45 18.06 0.86
CA ARG A 290 4.50 18.76 0.09
C ARG A 290 4.89 20.06 0.80
N GLY A 291 3.87 20.85 1.12
CA GLY A 291 4.09 22.16 1.67
C GLY A 291 4.70 22.15 3.05
N TYR A 292 4.23 21.26 3.91
CA TYR A 292 4.83 21.18 5.25
C TYR A 292 6.29 20.79 5.17
N VAL A 293 6.66 20.11 4.11
CA VAL A 293 7.96 19.46 4.02
C VAL A 293 9.04 20.40 3.47
N VAL A 294 8.62 21.49 2.85
CA VAL A 294 9.58 22.49 2.41
C VAL A 294 10.45 22.95 3.58
N ASN A 295 9.86 23.39 4.68
CA ASN A 295 10.67 23.87 5.84
C ASN A 295 10.32 23.26 7.19
N GLY A 296 9.43 22.29 7.21
CA GLY A 296 9.04 21.71 8.48
C GLY A 296 10.12 20.80 9.03
N GLU A 297 10.14 20.71 10.36
CA GLU A 297 11.02 19.80 11.06
C GLU A 297 10.49 18.37 10.83
N LEU A 298 11.36 17.50 10.34
CA LEU A 298 10.97 16.12 10.04
C LEU A 298 11.34 15.20 11.18
N THR A 299 10.72 14.02 11.23
CA THR A 299 11.04 13.02 12.26
C THR A 299 12.46 12.43 12.10
N PRO A 300 13.00 11.83 13.18
CA PRO A 300 14.38 11.31 13.17
C PRO A 300 14.72 10.34 12.02
N ASP A 301 13.75 9.56 11.55
CA ASP A 301 14.00 8.65 10.44
C ASP A 301 14.32 9.36 9.14
N MET A 302 13.98 10.65 9.05
CA MET A 302 14.31 11.46 7.89
C MET A 302 15.43 12.46 8.19
N GLY A 303 16.05 12.34 9.36
CA GLY A 303 17.21 13.15 9.73
C GLY A 303 16.86 14.45 10.44
N GLY A 304 15.80 14.44 11.25
CA GLY A 304 15.33 15.66 11.91
C GLY A 304 15.02 15.44 13.36
N ARG A 305 14.71 16.52 14.05
CA ARG A 305 14.56 16.46 15.50
C ARG A 305 13.09 16.52 15.94
N ALA A 306 12.16 16.35 14.99
CA ALA A 306 10.71 16.57 15.25
C ALA A 306 10.01 15.36 15.85
N ARG A 307 8.92 15.64 16.55
CA ARG A 307 8.10 14.59 17.15
C ARG A 307 6.92 14.29 16.21
N THR A 308 6.31 13.12 16.38
CA THR A 308 5.16 12.74 15.58
C THR A 308 4.16 13.92 15.56
N GLU A 309 3.77 14.34 16.76
CA GLU A 309 2.73 15.33 16.94
C GLU A 309 3.05 16.62 16.18
N ASP A 310 4.32 17.00 16.15
CA ASP A 310 4.69 18.21 15.43
C ASP A 310 4.33 18.12 13.93
N VAL A 311 4.57 16.95 13.33
CA VAL A 311 4.37 16.77 11.91
C VAL A 311 2.88 16.74 11.59
N VAL A 312 2.12 16.02 12.41
CA VAL A 312 0.68 15.99 12.27
C VAL A 312 0.12 17.39 12.36
N ARG A 313 0.44 18.08 13.46
CA ARG A 313 -0.06 19.44 13.68
C ARG A 313 0.31 20.33 12.52
N GLY A 314 1.52 20.17 12.01
CA GLY A 314 1.98 21.01 10.89
C GLY A 314 1.24 20.78 9.59
N ILE A 315 0.83 19.54 9.35
CA ILE A 315 0.15 19.19 8.11
C ILE A 315 -1.29 19.65 8.20
N ILE A 316 -1.88 19.48 9.37
CA ILE A 316 -3.22 19.99 9.61
C ILE A 316 -3.25 21.50 9.43
N GLY A 317 -2.19 22.15 9.88
CA GLY A 317 -1.93 23.53 9.55
C GLY A 317 -2.03 23.82 8.08
N GLU A 318 -1.32 23.08 7.25
CA GLU A 318 -1.38 23.36 5.80
C GLU A 318 -2.75 23.06 5.21
N ILE A 319 -3.49 22.15 5.83
CA ILE A 319 -4.77 21.75 5.30
C ILE A 319 -5.74 22.89 5.50
N GLU A 320 -5.91 23.26 6.77
CA GLU A 320 -6.70 24.42 7.18
C GLU A 320 -6.42 25.62 6.25
N ASP A 321 -5.17 25.85 5.91
CA ASP A 321 -4.88 26.91 4.94
C ASP A 321 -5.53 26.62 3.60
N LEU A 322 -5.21 25.50 2.96
CA LEU A 322 -5.79 25.19 1.62
C LEU A 322 -7.30 25.09 1.66
N LEU A 323 -7.79 24.55 2.74
CA LEU A 323 -9.22 24.36 2.90
C LEU A 323 -10.02 25.69 2.97
N SER A 324 -9.50 26.67 3.72
CA SER A 324 -10.12 28.01 3.86
C SER A 324 -10.17 28.88 2.58
N MET A 325 -9.69 28.32 1.46
CA MET A 325 -9.78 28.93 0.15
C MET A 325 -10.87 28.26 -0.67
N ASP A 326 -11.24 28.90 -1.78
CA ASP A 326 -12.29 28.42 -2.68
C ASP A 326 -11.69 27.73 -3.92
N GLU A 327 -11.26 26.46 -3.78
CA GLU A 327 -10.51 25.75 -4.84
C GLU A 327 -9.07 26.30 -5.06
N VAL A 328 -8.62 27.17 -4.15
CA VAL A 328 -7.31 27.86 -4.21
C VAL A 328 -7.35 29.30 -4.81
N TRP A 329 -8.55 29.91 -4.93
CA TRP A 329 -8.71 31.38 -5.26
C TRP A 329 -10.17 31.82 -5.43
OAB 48Y B . 2.82 -5.84 2.74
CAK 48Y B . 4.03 -6.17 2.74
OAF 48Y B . 4.83 -5.81 1.86
CAM 48Y B . 4.48 -7.10 3.88
OAD 48Y B . 5.82 -7.58 3.69
CAN 48Y B . 3.54 -8.28 3.98
CAL 48Y B . 3.63 -9.10 2.66
OAG 48Y B . 3.00 -8.70 1.64
OAC 48Y B . 4.35 -10.11 2.68
CAI 48Y B . 3.98 -9.02 5.21
CAH 48Y B . 3.03 -10.20 5.45
CAJ 48Y B . 3.46 -10.97 6.72
OAE 48Y B . 4.08 -12.06 6.55
OAA 48Y B . 3.19 -10.44 7.83
MN MN C . 6.80 -6.61 1.92
N1 IMD D . 8.42 -4.71 5.97
C2 IMD D . 9.43 -4.60 5.07
N3 IMD D . 10.07 -3.39 5.20
C4 IMD D . 9.43 -2.75 6.20
C5 IMD D . 8.40 -3.57 6.69
C1 IPA E . 10.05 5.46 9.54
C2 IPA E . 10.03 4.90 10.96
C3 IPA E . 8.79 5.38 11.75
O2 IPA E . 10.06 3.48 10.78
#